data_5JA0
#
_entry.id   5JA0
#
_cell.length_a   110.890
_cell.length_b   110.890
_cell.length_c   77.480
_cell.angle_alpha   90.00
_cell.angle_beta   90.00
_cell.angle_gamma   90.00
#
_symmetry.space_group_name_H-M   'P 41 21 2'
#
loop_
_entity.id
_entity.type
_entity.pdbx_description
1 polymer 'Farnesyl pyrophosphate synthase'
2 non-polymer 'PHOSPHATE ION'
3 non-polymer 'FARNESYL DIPHOSPHATE'
4 water water
#
_entity_poly.entity_id   1
_entity_poly.type   'polypeptide(L)'
_entity_poly.pdbx_seq_one_letter_code
;MGSSHHHHHHSSGRENLYFQGHMNGDQNSDVYAQEKQDFVQHFSQIVRVLTEDEMGHPEIGDAIARLKEVLEYNAIGGKY
NRGLTVVVAFRELVEPRKQDADSLQRAWTVGWCVELLQAFFLVADDIMDSSLTRRGQICWYQKPGVGLDAINDANLLEAC
IYRLLKLYCREQPYYLNLIELFLQSSYQTEIGQTLDLLTAPQGNVDLVRFTEKRYKSIVKYKTAFYSFYLPIAAAMYMAG
IDGEKEHANAKKILLEMGEFFQIQDDYLDLFGDPSVTGKIGTDIQDNKCSWLVVQCLQRATPEQYQILKENYGQKEAEKV
ARVKALYEELDLPAVFLQYEEDSYSHIMALIEQYAAPLPPAVFLGLARKIYKRRK
;
_entity_poly.pdbx_strand_id   F
#
# COMPACT_ATOMS: atom_id res chain seq x y z
N TYR A 32 10.93 -13.80 -8.05
CA TYR A 32 11.09 -12.51 -8.82
C TYR A 32 12.32 -11.63 -8.40
N ALA A 33 13.42 -12.18 -7.83
CA ALA A 33 14.63 -11.33 -7.58
C ALA A 33 15.16 -10.73 -8.93
N GLN A 34 15.03 -11.57 -9.99
CA GLN A 34 15.40 -11.31 -11.40
C GLN A 34 14.63 -10.10 -11.90
N GLU A 35 13.29 -10.28 -11.95
CA GLU A 35 12.26 -9.29 -12.45
C GLU A 35 12.39 -7.96 -11.64
N LYS A 36 12.68 -8.10 -10.36
CA LYS A 36 12.84 -6.90 -9.51
C LYS A 36 14.16 -6.11 -9.83
N GLN A 37 15.29 -6.82 -10.12
CA GLN A 37 16.51 -6.12 -10.62
C GLN A 37 16.19 -5.42 -11.97
N ASP A 38 15.45 -6.06 -12.93
CA ASP A 38 15.19 -5.39 -14.24
C ASP A 38 14.28 -4.12 -14.03
N PHE A 39 13.23 -4.31 -13.20
CA PHE A 39 12.33 -3.11 -12.92
C PHE A 39 13.13 -1.95 -12.34
N VAL A 40 13.89 -2.22 -11.32
CA VAL A 40 14.76 -1.24 -10.69
C VAL A 40 15.77 -0.57 -11.57
N GLN A 41 16.31 -1.31 -12.54
CA GLN A 41 17.29 -0.76 -13.44
C GLN A 41 16.62 0.27 -14.34
N HIS A 42 15.30 0.18 -14.56
CA HIS A 42 14.62 1.13 -15.41
C HIS A 42 14.46 2.52 -14.74
N PHE A 43 14.66 2.56 -13.45
CA PHE A 43 14.55 3.79 -12.72
C PHE A 43 15.42 4.90 -13.27
N SER A 44 16.67 4.65 -13.70
CA SER A 44 17.52 5.80 -14.12
C SER A 44 16.92 6.49 -15.35
N GLN A 45 16.26 5.72 -16.19
CA GLN A 45 15.68 6.29 -17.34
C GLN A 45 14.43 7.14 -16.90
N ILE A 46 13.68 6.66 -15.93
CA ILE A 46 12.47 7.45 -15.47
C ILE A 46 12.98 8.79 -14.95
N VAL A 47 14.00 8.74 -14.14
CA VAL A 47 14.59 9.96 -13.61
C VAL A 47 15.10 10.84 -14.73
N ARG A 48 15.78 10.27 -15.71
CA ARG A 48 16.26 11.09 -16.79
C ARG A 48 15.16 11.81 -17.52
N VAL A 49 14.15 11.05 -17.88
CA VAL A 49 13.07 11.65 -18.65
C VAL A 49 12.30 12.75 -17.85
N LEU A 50 12.34 12.70 -16.54
CA LEU A 50 11.53 13.62 -15.72
C LEU A 50 12.35 14.78 -15.41
N THR A 51 13.66 14.70 -15.56
CA THR A 51 14.51 15.82 -15.06
C THR A 51 15.27 16.45 -16.14
N GLU A 52 14.76 16.37 -17.36
CA GLU A 52 15.22 17.19 -18.49
C GLU A 52 14.58 18.59 -18.48
N PRO A 58 15.30 26.33 -18.50
CA PRO A 58 16.61 27.01 -18.17
C PRO A 58 16.70 27.48 -16.69
N GLU A 59 16.11 28.62 -16.30
CA GLU A 59 16.11 29.01 -14.84
C GLU A 59 15.29 28.10 -13.90
N ILE A 60 14.49 27.14 -14.38
CA ILE A 60 13.96 26.16 -13.47
C ILE A 60 14.90 25.02 -13.19
N GLY A 61 16.12 25.07 -13.76
CA GLY A 61 17.12 24.03 -13.54
C GLY A 61 17.32 23.62 -12.12
N ASP A 62 17.42 24.57 -11.22
CA ASP A 62 17.65 24.23 -9.85
C ASP A 62 16.48 23.54 -9.16
N ALA A 63 15.26 23.81 -9.63
CA ALA A 63 14.11 23.13 -9.12
C ALA A 63 14.08 21.68 -9.63
N ILE A 64 14.42 21.54 -10.92
CA ILE A 64 14.47 20.22 -11.50
C ILE A 64 15.60 19.40 -10.82
N ALA A 65 16.67 20.04 -10.42
CA ALA A 65 17.67 19.36 -9.58
C ALA A 65 17.12 18.82 -8.29
N ARG A 66 16.34 19.65 -7.58
CA ARG A 66 15.77 19.28 -6.31
C ARG A 66 14.76 18.11 -6.60
N LEU A 67 14.00 18.15 -7.71
CA LEU A 67 13.10 17.06 -8.07
C LEU A 67 13.87 15.77 -8.21
N LYS A 68 15.00 15.82 -8.83
CA LYS A 68 15.84 14.63 -8.99
C LYS A 68 16.23 14.00 -7.58
N GLU A 69 16.64 14.87 -6.66
CA GLU A 69 17.03 14.49 -5.34
C GLU A 69 15.81 13.83 -4.66
N VAL A 70 14.63 14.44 -4.80
CA VAL A 70 13.38 13.90 -4.16
C VAL A 70 13.03 12.50 -4.68
N LEU A 71 13.18 12.33 -5.98
CA LEU A 71 12.94 11.08 -6.64
C LEU A 71 13.95 10.02 -6.17
N GLU A 72 15.20 10.36 -6.13
CA GLU A 72 16.18 9.42 -5.80
C GLU A 72 16.06 8.96 -4.35
N TYR A 73 15.79 9.88 -3.43
CA TYR A 73 15.80 9.55 -2.01
C TYR A 73 14.53 8.76 -1.73
N ASN A 74 13.44 9.11 -2.32
CA ASN A 74 12.15 8.55 -1.90
C ASN A 74 11.52 7.49 -2.78
N ALA A 75 11.89 7.35 -4.06
CA ALA A 75 11.27 6.23 -4.84
C ALA A 75 12.12 4.96 -4.85
N ILE A 76 13.31 4.99 -4.25
CA ILE A 76 14.21 3.82 -4.17
C ILE A 76 14.36 3.43 -2.77
N GLY A 77 14.53 2.15 -2.53
CA GLY A 77 14.97 1.63 -1.20
C GLY A 77 13.87 0.71 -0.62
N GLY A 78 12.70 0.67 -1.29
CA GLY A 78 11.63 -0.29 -0.86
C GLY A 78 11.75 -1.62 -1.54
N LYS A 79 10.68 -2.43 -1.54
CA LYS A 79 10.72 -3.83 -2.04
C LYS A 79 10.07 -3.83 -3.41
N TYR A 80 9.40 -2.74 -3.83
CA TYR A 80 8.94 -2.54 -5.24
C TYR A 80 7.86 -3.52 -5.67
N ASN A 81 7.14 -4.06 -4.68
CA ASN A 81 6.13 -5.07 -4.99
C ASN A 81 4.91 -4.57 -5.76
N ARG A 82 4.46 -3.38 -5.51
CA ARG A 82 3.33 -2.78 -6.18
C ARG A 82 3.63 -2.51 -7.65
N GLY A 83 4.78 -1.95 -7.93
CA GLY A 83 5.08 -1.71 -9.29
C GLY A 83 5.45 -2.92 -10.05
N LEU A 84 6.15 -3.85 -9.39
CA LEU A 84 6.42 -5.11 -10.11
C LEU A 84 5.12 -5.85 -10.49
N THR A 85 4.10 -5.72 -9.68
CA THR A 85 2.81 -6.30 -9.94
C THR A 85 2.25 -5.86 -11.27
N VAL A 86 2.44 -4.60 -11.59
CA VAL A 86 2.05 -4.13 -12.89
C VAL A 86 2.69 -4.93 -14.03
N VAL A 87 3.98 -5.02 -13.96
CA VAL A 87 4.79 -5.65 -15.01
C VAL A 87 4.46 -7.13 -15.13
N VAL A 88 4.40 -7.83 -14.02
CA VAL A 88 4.13 -9.26 -14.05
C VAL A 88 2.74 -9.51 -14.58
N ALA A 89 1.79 -8.80 -14.07
CA ALA A 89 0.41 -8.97 -14.49
C ALA A 89 0.27 -8.61 -15.94
N PHE A 90 0.94 -7.52 -16.39
CA PHE A 90 0.85 -7.16 -17.81
C PHE A 90 1.31 -8.35 -18.73
N ARG A 91 2.43 -8.89 -18.40
CA ARG A 91 3.00 -10.05 -19.16
C ARG A 91 2.01 -11.18 -19.13
N GLU A 92 1.39 -11.43 -18.02
CA GLU A 92 0.50 -12.63 -17.96
C GLU A 92 -0.79 -12.34 -18.68
N LEU A 93 -1.10 -11.09 -18.95
CA LEU A 93 -2.38 -10.74 -19.55
C LEU A 93 -2.38 -10.52 -21.02
N VAL A 94 -1.28 -9.99 -21.55
CA VAL A 94 -1.16 -9.67 -22.93
C VAL A 94 -0.79 -10.81 -23.88
N GLU A 95 -1.45 -10.81 -25.07
CA GLU A 95 -1.11 -11.67 -26.25
C GLU A 95 0.41 -11.61 -26.51
N PRO A 96 1.06 -12.77 -26.62
CA PRO A 96 2.54 -12.65 -26.47
C PRO A 96 3.18 -11.90 -27.68
N ARG A 97 2.39 -11.85 -28.75
CA ARG A 97 2.77 -11.27 -30.01
C ARG A 97 2.24 -9.85 -29.99
N LYS A 98 2.01 -9.26 -28.82
CA LYS A 98 1.80 -7.82 -28.66
C LYS A 98 2.83 -7.16 -27.73
N GLN A 99 3.56 -7.95 -26.93
CA GLN A 99 4.70 -7.45 -26.15
C GLN A 99 5.91 -7.08 -27.01
N ASP A 100 5.86 -5.92 -27.66
CA ASP A 100 7.06 -5.40 -28.34
C ASP A 100 7.84 -4.47 -27.34
N ALA A 101 9.01 -3.95 -27.73
CA ALA A 101 9.85 -3.18 -26.78
C ALA A 101 9.07 -1.98 -26.21
N ASP A 102 8.22 -1.37 -27.02
CA ASP A 102 7.56 -0.16 -26.54
C ASP A 102 6.42 -0.51 -25.56
N SER A 103 5.70 -1.59 -25.78
CA SER A 103 4.75 -2.13 -24.80
C SER A 103 5.35 -2.41 -23.42
N LEU A 104 6.46 -3.15 -23.46
CA LEU A 104 7.11 -3.51 -22.22
C LEU A 104 7.55 -2.23 -21.49
N GLN A 105 8.05 -1.29 -22.23
CA GLN A 105 8.50 -0.06 -21.60
C GLN A 105 7.32 0.72 -20.96
N ARG A 106 6.18 0.75 -21.66
CA ARG A 106 5.01 1.36 -21.03
C ARG A 106 4.64 0.67 -19.71
N ALA A 107 4.68 -0.65 -19.71
CA ALA A 107 4.38 -1.46 -18.53
C ALA A 107 5.31 -1.13 -17.45
N TRP A 108 6.60 -1.05 -17.68
CA TRP A 108 7.36 -0.64 -16.49
C TRP A 108 7.32 0.79 -16.12
N THR A 109 7.01 1.67 -17.06
CA THR A 109 6.77 3.08 -16.71
C THR A 109 5.53 3.20 -15.81
N VAL A 110 4.48 2.42 -16.11
CA VAL A 110 3.26 2.41 -15.28
C VAL A 110 3.55 1.77 -13.90
N GLY A 111 4.35 0.68 -13.82
CA GLY A 111 4.78 0.13 -12.55
C GLY A 111 5.50 1.22 -11.73
N TRP A 112 6.36 2.00 -12.40
CA TRP A 112 6.98 3.07 -11.72
C TRP A 112 6.03 4.16 -11.28
N CYS A 113 4.99 4.44 -12.07
CA CYS A 113 3.91 5.36 -11.63
C CYS A 113 3.27 4.86 -10.31
N VAL A 114 3.02 3.59 -10.19
CA VAL A 114 2.50 3.01 -8.95
C VAL A 114 3.48 3.29 -7.78
N GLU A 115 4.77 3.12 -8.06
CA GLU A 115 5.81 3.39 -7.03
C GLU A 115 5.88 4.80 -6.65
N LEU A 116 5.69 5.69 -7.63
CA LEU A 116 5.67 7.13 -7.34
C LEU A 116 4.44 7.53 -6.45
N LEU A 117 3.30 6.91 -6.72
CA LEU A 117 2.14 7.14 -5.93
C LEU A 117 2.43 6.72 -4.50
N GLN A 118 2.97 5.51 -4.32
CA GLN A 118 3.45 5.07 -3.01
C GLN A 118 4.37 6.06 -2.32
N ALA A 119 5.36 6.55 -3.03
CA ALA A 119 6.35 7.48 -2.50
C ALA A 119 5.69 8.75 -2.04
N PHE A 120 4.71 9.23 -2.79
CA PHE A 120 3.91 10.44 -2.41
C PHE A 120 3.26 10.19 -1.09
N PHE A 121 2.52 9.12 -1.00
CA PHE A 121 1.89 8.80 0.25
C PHE A 121 2.80 8.68 1.44
N LEU A 122 3.93 8.02 1.24
CA LEU A 122 4.82 7.73 2.41
C LEU A 122 5.43 9.00 2.91
N VAL A 123 5.93 9.81 2.02
CA VAL A 123 6.55 11.10 2.38
C VAL A 123 5.62 12.00 3.20
N ALA A 124 4.38 12.10 2.73
CA ALA A 124 3.38 12.86 3.39
C ALA A 124 2.92 12.22 4.67
N ASP A 125 2.71 10.91 4.71
CA ASP A 125 2.39 10.18 5.91
C ASP A 125 3.40 10.25 7.08
N ASP A 126 4.67 10.25 6.69
CA ASP A 126 5.76 10.29 7.64
C ASP A 126 5.78 11.67 8.29
N ILE A 127 5.51 12.72 7.50
CA ILE A 127 5.33 14.09 8.10
C ILE A 127 4.20 14.06 9.07
N MET A 128 3.02 13.63 8.58
CA MET A 128 1.85 13.60 9.47
C MET A 128 1.95 12.85 10.78
N ASP A 129 2.61 11.71 10.75
CA ASP A 129 2.82 10.79 11.88
C ASP A 129 3.98 11.20 12.73
N SER A 130 4.73 12.18 12.34
CA SER A 130 6.02 12.53 12.99
C SER A 130 7.00 11.36 12.99
N SER A 131 7.11 10.58 11.91
CA SER A 131 8.00 9.44 11.99
C SER A 131 9.47 9.88 11.88
N LEU A 132 10.33 9.04 12.36
CA LEU A 132 11.81 9.31 12.36
C LEU A 132 12.45 8.71 11.14
N THR A 133 12.18 7.44 10.93
CA THR A 133 12.75 6.65 9.89
C THR A 133 11.74 5.96 9.01
N ARG A 134 12.20 5.63 7.80
CA ARG A 134 11.44 4.91 6.74
C ARG A 134 12.49 4.06 6.00
N ARG A 135 12.20 2.77 5.85
CA ARG A 135 12.95 1.85 4.90
C ARG A 135 14.39 1.89 5.49
N GLY A 136 14.52 1.81 6.83
CA GLY A 136 15.71 2.10 7.58
C GLY A 136 16.58 3.41 7.51
N GLN A 137 16.12 4.43 6.83
CA GLN A 137 16.85 5.65 6.54
C GLN A 137 16.06 6.75 7.22
N ILE A 138 16.67 7.86 7.38
CA ILE A 138 15.98 9.05 7.94
C ILE A 138 14.83 9.45 7.05
N CYS A 139 13.64 9.76 7.58
CA CYS A 139 12.61 10.22 6.75
C CYS A 139 13.04 11.49 6.03
N TRP A 140 12.63 11.62 4.76
CA TRP A 140 12.97 12.79 3.92
C TRP A 140 12.76 14.09 4.68
N TYR A 141 11.57 14.27 5.27
CA TYR A 141 11.28 15.55 5.97
C TYR A 141 12.19 15.85 7.16
N GLN A 142 12.77 14.81 7.77
CA GLN A 142 13.72 14.93 8.89
C GLN A 142 15.13 15.33 8.43
N LYS A 143 15.38 15.32 7.13
CA LYS A 143 16.72 15.81 6.73
C LYS A 143 16.86 17.27 6.96
N PRO A 144 17.99 17.67 7.48
CA PRO A 144 18.37 19.06 7.55
C PRO A 144 18.15 19.80 6.28
N GLY A 145 17.47 20.91 6.44
CA GLY A 145 17.22 21.74 5.22
C GLY A 145 15.96 21.33 4.47
N VAL A 146 15.33 20.22 4.78
CA VAL A 146 14.10 19.82 4.09
C VAL A 146 12.86 20.25 4.90
N GLY A 147 12.62 19.58 5.98
CA GLY A 147 11.57 19.94 6.90
C GLY A 147 10.20 19.91 6.17
N LEU A 148 9.37 20.92 6.46
CA LEU A 148 8.08 21.02 5.81
C LEU A 148 8.04 21.26 4.30
N ASP A 149 9.14 21.75 3.70
CA ASP A 149 9.33 21.72 2.28
C ASP A 149 8.95 20.40 1.65
N ALA A 150 9.09 19.34 2.41
CA ALA A 150 8.70 18.02 1.97
C ALA A 150 7.23 17.91 1.52
N ILE A 151 6.36 18.80 2.03
CA ILE A 151 4.94 18.78 1.56
C ILE A 151 4.96 19.07 0.03
N ASN A 152 5.70 20.08 -0.41
CA ASN A 152 5.71 20.30 -1.85
C ASN A 152 6.45 19.21 -2.65
N ASP A 153 7.54 18.68 -2.00
CA ASP A 153 8.19 17.46 -2.61
C ASP A 153 7.27 16.34 -2.85
N ALA A 154 6.39 16.03 -1.86
CA ALA A 154 5.43 15.05 -2.05
C ALA A 154 4.42 15.35 -3.18
N ASN A 155 3.98 16.58 -3.28
CA ASN A 155 3.13 16.97 -4.39
C ASN A 155 3.83 16.73 -5.75
N LEU A 156 5.10 17.07 -5.80
CA LEU A 156 5.85 16.82 -7.04
C LEU A 156 5.91 15.36 -7.43
N LEU A 157 6.10 14.51 -6.47
CA LEU A 157 6.10 13.09 -6.72
C LEU A 157 4.78 12.65 -7.34
N GLU A 158 3.68 13.13 -6.75
CA GLU A 158 2.37 12.79 -7.35
C GLU A 158 2.27 13.31 -8.80
N ALA A 159 2.71 14.55 -8.99
CA ALA A 159 2.60 15.18 -10.29
C ALA A 159 3.42 14.37 -11.33
N CYS A 160 4.52 13.82 -10.88
CA CYS A 160 5.34 12.97 -11.78
C CYS A 160 4.58 11.81 -12.40
N ILE A 161 3.65 11.22 -11.69
CA ILE A 161 2.88 10.16 -12.25
C ILE A 161 2.27 10.56 -13.56
N TYR A 162 1.62 11.76 -13.58
CA TYR A 162 0.83 12.18 -14.78
C TYR A 162 1.79 12.67 -15.87
N ARG A 163 2.94 13.20 -15.46
CA ARG A 163 3.95 13.55 -16.50
C ARG A 163 4.41 12.29 -17.25
N LEU A 164 4.64 11.17 -16.52
CA LEU A 164 5.10 9.91 -17.20
C LEU A 164 3.99 9.32 -18.02
N LEU A 165 2.73 9.33 -17.47
CA LEU A 165 1.61 8.86 -18.31
C LEU A 165 1.52 9.61 -19.60
N LYS A 166 1.63 10.91 -19.53
CA LYS A 166 1.50 11.65 -20.75
C LYS A 166 2.72 11.36 -21.74
N LEU A 167 3.93 11.31 -21.19
CA LEU A 167 5.19 11.07 -22.03
C LEU A 167 5.13 9.70 -22.70
N TYR A 168 4.65 8.68 -22.00
CA TYR A 168 4.70 7.36 -22.57
C TYR A 168 3.40 6.80 -23.04
N CYS A 169 2.26 7.19 -22.51
CA CYS A 169 0.95 6.60 -22.90
C CYS A 169 -0.12 7.50 -23.57
N ARG A 170 0.24 8.73 -23.89
CA ARG A 170 -0.79 9.64 -24.37
C ARG A 170 -1.48 9.20 -25.64
N GLU A 171 -0.80 8.44 -26.48
CA GLU A 171 -1.49 8.05 -27.77
C GLU A 171 -2.20 6.71 -27.63
N GLN A 172 -2.14 6.05 -26.46
CA GLN A 172 -2.75 4.74 -26.28
C GLN A 172 -4.24 4.81 -25.95
N PRO A 173 -5.03 3.79 -26.33
CA PRO A 173 -6.46 3.93 -26.12
C PRO A 173 -6.83 3.98 -24.64
N TYR A 174 -6.00 3.43 -23.79
CA TYR A 174 -6.24 3.39 -22.33
C TYR A 174 -5.73 4.55 -21.52
N TYR A 175 -5.21 5.58 -22.18
CA TYR A 175 -4.63 6.74 -21.52
C TYR A 175 -5.57 7.36 -20.48
N LEU A 176 -6.76 7.73 -20.90
CA LEU A 176 -7.66 8.33 -19.98
C LEU A 176 -8.05 7.38 -18.91
N ASN A 177 -8.22 6.09 -19.24
CA ASN A 177 -8.58 5.14 -18.14
C ASN A 177 -7.49 5.07 -17.03
N LEU A 178 -6.22 5.10 -17.44
CA LEU A 178 -5.12 5.07 -16.46
C LEU A 178 -5.08 6.40 -15.65
N ILE A 179 -5.23 7.57 -16.31
CA ILE A 179 -5.25 8.84 -15.56
C ILE A 179 -6.40 8.72 -14.47
N GLU A 180 -7.60 8.31 -14.87
CA GLU A 180 -8.72 8.23 -13.97
C GLU A 180 -8.44 7.19 -12.82
N LEU A 181 -7.81 6.06 -13.17
CA LEU A 181 -7.42 5.06 -12.21
C LEU A 181 -6.43 5.61 -11.14
N PHE A 182 -5.40 6.31 -11.54
CA PHE A 182 -4.52 6.83 -10.60
C PHE A 182 -5.21 7.93 -9.72
N LEU A 183 -6.03 8.79 -10.32
CA LEU A 183 -6.74 9.85 -9.59
C LEU A 183 -7.65 9.21 -8.56
N GLN A 184 -8.36 8.21 -8.96
CA GLN A 184 -9.32 7.57 -8.07
C GLN A 184 -8.55 6.85 -6.94
N SER A 185 -7.44 6.22 -7.26
CA SER A 185 -6.63 5.57 -6.27
C SER A 185 -6.14 6.55 -5.17
N SER A 186 -5.69 7.69 -5.60
CA SER A 186 -5.29 8.73 -4.76
C SER A 186 -6.42 9.18 -3.84
N TYR A 187 -7.56 9.50 -4.39
CA TYR A 187 -8.72 9.87 -3.60
C TYR A 187 -9.11 8.80 -2.53
N GLN A 188 -9.18 7.55 -2.94
CA GLN A 188 -9.59 6.51 -2.03
C GLN A 188 -8.58 6.46 -0.87
N THR A 189 -7.29 6.56 -1.23
CA THR A 189 -6.21 6.40 -0.25
C THR A 189 -6.31 7.60 0.73
N GLU A 190 -6.53 8.81 0.19
CA GLU A 190 -6.66 10.02 1.02
C GLU A 190 -7.84 9.97 2.00
N ILE A 191 -8.97 9.50 1.49
CA ILE A 191 -10.18 9.26 2.31
C ILE A 191 -9.93 8.28 3.43
N GLY A 192 -9.24 7.21 3.07
CA GLY A 192 -8.77 6.25 4.06
C GLY A 192 -7.88 6.82 5.13
N GLN A 193 -6.99 7.70 4.75
CA GLN A 193 -6.15 8.38 5.66
C GLN A 193 -6.99 9.25 6.57
N THR A 194 -7.91 10.00 6.02
CA THR A 194 -8.74 10.88 6.83
C THR A 194 -9.44 10.01 7.92
N LEU A 195 -9.95 8.89 7.47
CA LEU A 195 -10.73 8.03 8.38
C LEU A 195 -9.81 7.51 9.43
N ASP A 196 -8.60 7.12 9.01
CA ASP A 196 -7.65 6.65 9.98
C ASP A 196 -7.33 7.75 11.03
N LEU A 197 -6.94 8.91 10.53
CA LEU A 197 -6.67 10.09 11.43
C LEU A 197 -7.76 10.43 12.41
N LEU A 198 -9.02 10.35 11.99
CA LEU A 198 -10.13 10.60 12.92
C LEU A 198 -10.29 9.48 13.96
N THR A 199 -9.87 8.27 13.61
CA THR A 199 -10.24 7.09 14.36
C THR A 199 -9.22 6.91 15.43
N ALA A 200 -7.99 7.20 15.10
CA ALA A 200 -6.85 6.93 15.94
C ALA A 200 -6.03 8.21 16.19
N PRO A 201 -6.63 9.27 16.71
CA PRO A 201 -5.75 10.46 16.87
C PRO A 201 -4.70 10.23 17.99
N GLN A 202 -3.40 10.28 17.62
CA GLN A 202 -2.23 10.24 18.56
C GLN A 202 -2.58 11.03 19.82
N GLY A 203 -2.39 10.43 20.99
CA GLY A 203 -2.52 11.12 22.28
C GLY A 203 -3.95 11.22 22.77
N ASN A 204 -4.77 10.33 22.24
CA ASN A 204 -6.16 10.29 22.58
C ASN A 204 -6.70 8.85 22.36
N VAL A 205 -6.59 8.04 23.45
CA VAL A 205 -6.96 6.63 23.41
C VAL A 205 -8.44 6.75 23.53
N ASP A 206 -9.14 6.23 22.55
CA ASP A 206 -10.57 6.16 22.63
C ASP A 206 -10.89 4.87 21.79
N LEU A 207 -11.08 3.84 22.59
CA LEU A 207 -11.21 2.50 22.14
C LEU A 207 -12.62 2.24 21.59
N VAL A 208 -13.60 3.10 21.91
CA VAL A 208 -14.96 3.01 21.36
C VAL A 208 -14.96 3.18 19.84
N ARG A 209 -13.88 3.81 19.35
CA ARG A 209 -13.71 4.03 17.96
C ARG A 209 -13.29 2.78 17.16
N PHE A 210 -12.70 1.80 17.82
CA PHE A 210 -11.99 0.70 17.13
C PHE A 210 -12.88 -0.48 16.89
N THR A 211 -13.92 -0.30 16.10
CA THR A 211 -14.77 -1.34 15.74
C THR A 211 -14.29 -2.07 14.50
N GLU A 212 -14.76 -3.27 14.38
CA GLU A 212 -14.46 -4.04 13.19
C GLU A 212 -14.95 -3.39 11.89
N LYS A 213 -16.17 -2.83 11.83
CA LYS A 213 -16.66 -2.22 10.60
C LYS A 213 -15.68 -1.05 10.25
N ARG A 214 -15.23 -0.29 11.27
CA ARG A 214 -14.25 0.81 11.10
C ARG A 214 -12.89 0.33 10.63
N TYR A 215 -12.40 -0.73 11.23
CA TYR A 215 -11.11 -1.31 10.81
C TYR A 215 -11.01 -1.72 9.30
N LYS A 216 -12.05 -2.40 8.88
CA LYS A 216 -12.23 -2.90 7.57
C LYS A 216 -12.33 -1.73 6.56
N SER A 217 -13.09 -0.72 6.91
CA SER A 217 -13.22 0.45 6.12
C SER A 217 -11.83 1.18 5.91
N ILE A 218 -11.08 1.35 6.99
CA ILE A 218 -9.75 1.93 6.92
C ILE A 218 -8.93 1.15 5.95
N VAL A 219 -8.91 -0.18 6.13
CA VAL A 219 -8.00 -0.99 5.33
C VAL A 219 -8.41 -0.88 3.84
N LYS A 220 -9.69 -0.96 3.52
CA LYS A 220 -10.11 -1.00 2.17
C LYS A 220 -9.59 0.28 1.48
N TYR A 221 -9.93 1.41 2.06
CA TYR A 221 -9.60 2.70 1.43
C TYR A 221 -8.13 3.09 1.50
N LYS A 222 -7.55 3.02 2.73
CA LYS A 222 -6.18 3.52 2.92
C LYS A 222 -5.14 2.66 2.23
N THR A 223 -5.39 1.37 2.12
CA THR A 223 -4.36 0.41 1.76
C THR A 223 -4.70 -0.54 0.58
N ALA A 224 -5.82 -1.22 0.68
CA ALA A 224 -6.13 -2.30 -0.29
C ALA A 224 -6.35 -1.77 -1.74
N PHE A 225 -7.02 -0.62 -1.87
CA PHE A 225 -7.34 -0.15 -3.18
C PHE A 225 -6.03 0.15 -3.89
N TYR A 226 -5.13 0.90 -3.33
CA TYR A 226 -3.92 1.29 -4.08
C TYR A 226 -2.88 0.16 -4.23
N SER A 227 -2.83 -0.74 -3.23
CA SER A 227 -1.81 -1.73 -3.15
C SER A 227 -2.10 -2.88 -4.05
N PHE A 228 -3.37 -3.28 -4.11
CA PHE A 228 -3.83 -4.45 -4.78
C PHE A 228 -4.71 -4.21 -5.95
N TYR A 229 -5.72 -3.36 -5.85
CA TYR A 229 -6.60 -3.12 -6.99
C TYR A 229 -5.80 -2.29 -8.10
N LEU A 230 -5.19 -1.18 -7.74
CA LEU A 230 -4.50 -0.25 -8.64
C LEU A 230 -3.54 -1.02 -9.62
N PRO A 231 -2.61 -1.80 -9.08
CA PRO A 231 -1.60 -2.33 -10.03
C PRO A 231 -2.13 -3.33 -11.11
N ILE A 232 -3.02 -4.21 -10.70
CA ILE A 232 -3.62 -5.21 -11.59
C ILE A 232 -4.58 -4.43 -12.50
N ALA A 233 -5.45 -3.52 -12.00
CA ALA A 233 -6.35 -2.72 -12.87
C ALA A 233 -5.59 -2.00 -13.97
N ALA A 234 -4.38 -1.54 -13.64
CA ALA A 234 -3.62 -0.74 -14.58
C ALA A 234 -3.23 -1.71 -15.68
N ALA A 235 -2.67 -2.83 -15.27
CA ALA A 235 -2.19 -3.87 -16.22
C ALA A 235 -3.39 -4.32 -17.10
N MET A 236 -4.56 -4.54 -16.49
CA MET A 236 -5.74 -4.82 -17.21
C MET A 236 -6.01 -3.79 -18.30
N TYR A 237 -6.00 -2.50 -17.95
CA TYR A 237 -6.29 -1.47 -18.91
C TYR A 237 -5.33 -1.51 -20.01
N MET A 238 -4.07 -1.75 -19.68
CA MET A 238 -3.07 -1.72 -20.71
C MET A 238 -3.23 -2.90 -21.74
N ALA A 239 -3.69 -4.00 -21.22
CA ALA A 239 -4.02 -5.18 -22.01
C ALA A 239 -5.32 -5.06 -22.76
N GLY A 240 -6.03 -3.97 -22.71
CA GLY A 240 -7.23 -3.83 -23.44
C GLY A 240 -8.43 -4.30 -22.70
N ILE A 241 -8.29 -4.71 -21.43
CA ILE A 241 -9.41 -5.17 -20.62
C ILE A 241 -9.99 -3.99 -19.85
N ASP A 242 -11.02 -3.36 -20.42
CA ASP A 242 -11.55 -2.12 -19.87
C ASP A 242 -12.92 -2.27 -19.36
N GLY A 243 -13.48 -3.47 -19.41
CA GLY A 243 -14.92 -3.61 -19.04
C GLY A 243 -15.20 -3.46 -17.54
N GLU A 244 -16.35 -2.84 -17.20
CA GLU A 244 -16.69 -2.51 -15.81
C GLU A 244 -16.84 -3.75 -14.97
N LYS A 245 -17.46 -4.76 -15.57
CA LYS A 245 -17.74 -6.01 -14.86
C LYS A 245 -16.48 -6.79 -14.54
N GLU A 246 -15.60 -6.85 -15.51
CA GLU A 246 -14.31 -7.50 -15.26
C GLU A 246 -13.55 -6.77 -14.19
N HIS A 247 -13.46 -5.41 -14.32
CA HIS A 247 -12.78 -4.66 -13.27
C HIS A 247 -13.43 -4.95 -11.94
N ALA A 248 -14.74 -4.99 -11.88
CA ALA A 248 -15.41 -5.21 -10.61
C ALA A 248 -15.11 -6.62 -10.04
N ASN A 249 -15.03 -7.62 -10.94
CA ASN A 249 -14.70 -8.96 -10.51
C ASN A 249 -13.36 -9.02 -9.93
N ALA A 250 -12.40 -8.45 -10.59
CA ALA A 250 -11.09 -8.49 -10.11
C ALA A 250 -10.95 -7.72 -8.77
N LYS A 251 -11.57 -6.56 -8.71
CA LYS A 251 -11.63 -5.75 -7.47
C LYS A 251 -12.12 -6.59 -6.26
N LYS A 252 -13.14 -7.41 -6.49
CA LYS A 252 -13.64 -8.18 -5.43
C LYS A 252 -12.56 -9.10 -4.85
N ILE A 253 -11.84 -9.81 -5.72
CA ILE A 253 -10.74 -10.64 -5.23
C ILE A 253 -9.70 -9.81 -4.55
N LEU A 254 -9.28 -8.72 -5.20
CA LEU A 254 -8.15 -7.93 -4.80
C LEU A 254 -8.33 -7.08 -3.44
N LEU A 255 -9.54 -6.59 -3.20
CA LEU A 255 -9.77 -5.86 -1.96
C LEU A 255 -9.79 -6.91 -0.78
N GLU A 256 -10.24 -8.16 -1.05
CA GLU A 256 -10.21 -9.18 -0.01
C GLU A 256 -8.76 -9.58 0.30
N MET A 257 -7.91 -9.66 -0.72
CA MET A 257 -6.51 -9.90 -0.47
C MET A 257 -5.93 -8.80 0.38
N GLY A 258 -6.26 -7.59 0.03
CA GLY A 258 -5.68 -6.40 0.80
C GLY A 258 -6.11 -6.48 2.28
N GLU A 259 -7.34 -6.91 2.54
CA GLU A 259 -7.78 -7.06 3.91
C GLU A 259 -6.93 -8.05 4.63
N PHE A 260 -6.72 -9.24 4.02
CA PHE A 260 -5.85 -10.22 4.66
C PHE A 260 -4.38 -9.66 4.84
N PHE A 261 -3.88 -8.98 3.81
CA PHE A 261 -2.45 -8.48 3.86
C PHE A 261 -2.27 -7.53 5.12
N GLN A 262 -3.23 -6.68 5.35
CA GLN A 262 -3.09 -5.73 6.44
C GLN A 262 -3.28 -6.41 7.81
N ILE A 263 -4.31 -7.30 7.91
CA ILE A 263 -4.51 -8.06 9.09
C ILE A 263 -3.28 -8.80 9.47
N GLN A 264 -2.67 -9.44 8.52
CA GLN A 264 -1.42 -10.11 8.72
C GLN A 264 -0.27 -9.14 9.20
N ASP A 265 -0.18 -8.05 8.47
CA ASP A 265 0.76 -7.01 8.80
C ASP A 265 0.60 -6.58 10.29
N ASP A 266 -0.65 -6.42 10.77
CA ASP A 266 -0.98 -6.04 12.20
C ASP A 266 -0.56 -7.08 13.20
N TYR A 267 -0.86 -8.33 12.88
CA TYR A 267 -0.43 -9.47 13.65
C TYR A 267 1.08 -9.50 13.81
N LEU A 268 1.77 -9.43 12.71
CA LEU A 268 3.19 -9.54 12.73
C LEU A 268 3.88 -8.35 13.40
N ASP A 269 3.22 -7.19 13.43
CA ASP A 269 3.77 -5.99 14.04
C ASP A 269 4.26 -6.34 15.46
N LEU A 270 3.40 -7.08 16.20
CA LEU A 270 3.61 -7.53 17.56
C LEU A 270 4.18 -8.95 17.70
N PHE A 271 3.86 -9.90 16.80
CA PHE A 271 4.34 -11.27 16.97
C PHE A 271 5.30 -11.75 15.90
N GLY A 272 5.66 -10.95 14.92
CA GLY A 272 6.65 -11.37 13.90
C GLY A 272 8.01 -11.48 14.53
N ASP A 273 8.96 -12.20 13.91
CA ASP A 273 10.37 -12.29 14.37
C ASP A 273 11.13 -11.23 13.54
N PRO A 274 11.74 -10.23 14.21
CA PRO A 274 12.59 -9.30 13.46
C PRO A 274 14.04 -9.85 13.47
N ILE A 280 10.86 -4.87 15.51
CA ILE A 280 10.02 -4.37 16.60
C ILE A 280 9.10 -3.29 15.98
N GLY A 281 7.92 -3.16 16.59
CA GLY A 281 6.74 -2.58 15.98
C GLY A 281 6.11 -1.78 17.09
N THR A 282 5.27 -0.82 16.74
CA THR A 282 4.80 0.17 17.68
C THR A 282 3.33 0.48 17.60
N ASP A 283 2.56 -0.36 16.94
CA ASP A 283 1.16 -0.11 16.84
C ASP A 283 0.58 0.17 18.19
N ILE A 284 0.96 -0.60 19.20
CA ILE A 284 0.31 -0.40 20.50
C ILE A 284 0.81 0.95 21.05
N GLN A 285 2.13 1.21 21.08
CA GLN A 285 2.55 2.58 21.52
C GLN A 285 2.15 3.72 20.60
N ASP A 286 1.29 3.51 19.56
CA ASP A 286 0.76 4.58 18.72
C ASP A 286 -0.78 4.64 18.67
N ASN A 287 -1.46 3.97 19.56
CA ASN A 287 -2.93 4.02 19.58
C ASN A 287 -3.50 3.59 18.17
N LYS A 288 -2.87 2.61 17.48
CA LYS A 288 -3.37 2.21 16.15
C LYS A 288 -4.63 1.39 16.24
N CYS A 289 -5.48 1.60 15.24
CA CYS A 289 -6.63 0.79 15.04
C CYS A 289 -6.11 -0.51 14.38
N SER A 290 -5.50 -1.38 15.18
CA SER A 290 -4.91 -2.67 14.70
C SER A 290 -6.00 -3.71 14.68
N TRP A 291 -5.83 -4.73 13.82
CA TRP A 291 -6.71 -5.87 13.90
C TRP A 291 -6.69 -6.45 15.30
N LEU A 292 -5.51 -6.52 15.91
CA LEU A 292 -5.37 -7.06 17.27
C LEU A 292 -6.30 -6.39 18.32
N VAL A 293 -6.31 -5.03 18.38
CA VAL A 293 -6.98 -4.31 19.46
C VAL A 293 -8.47 -4.46 19.15
N VAL A 294 -8.75 -4.49 17.85
CA VAL A 294 -10.13 -4.78 17.47
C VAL A 294 -10.63 -6.15 18.05
N GLN A 295 -9.82 -7.18 17.81
CA GLN A 295 -10.12 -8.56 18.28
C GLN A 295 -10.16 -8.60 19.80
N CYS A 296 -9.11 -8.03 20.39
CA CYS A 296 -9.02 -7.92 21.87
C CYS A 296 -10.29 -7.32 22.48
N LEU A 297 -10.71 -6.21 21.89
CA LEU A 297 -11.95 -5.54 22.32
C LEU A 297 -13.20 -6.35 22.09
N GLN A 298 -13.27 -7.18 21.04
CA GLN A 298 -14.46 -8.03 20.93
C GLN A 298 -14.52 -9.10 22.02
N ARG A 299 -13.40 -9.40 22.67
CA ARG A 299 -13.29 -10.56 23.55
C ARG A 299 -13.04 -10.23 25.00
N ALA A 300 -12.87 -8.96 25.29
CA ALA A 300 -12.64 -8.46 26.64
C ALA A 300 -13.95 -8.43 27.46
N THR A 301 -13.82 -8.67 28.75
CA THR A 301 -14.89 -8.50 29.74
C THR A 301 -14.80 -7.04 30.11
N PRO A 302 -15.68 -6.57 31.03
CA PRO A 302 -15.49 -5.18 31.46
C PRO A 302 -14.12 -4.95 32.18
N GLU A 303 -13.60 -6.00 32.83
CA GLU A 303 -12.35 -5.87 33.59
C GLU A 303 -11.17 -5.70 32.60
N GLN A 304 -11.09 -6.62 31.66
CA GLN A 304 -10.04 -6.51 30.64
C GLN A 304 -10.04 -5.22 29.82
N TYR A 305 -11.25 -4.81 29.40
CA TYR A 305 -11.49 -3.54 28.71
C TYR A 305 -10.77 -2.36 29.45
N GLN A 306 -10.85 -2.37 30.82
CA GLN A 306 -10.10 -1.39 31.61
C GLN A 306 -8.56 -1.51 31.50
N ILE A 307 -8.08 -2.82 31.53
CA ILE A 307 -6.62 -3.09 31.42
C ILE A 307 -6.13 -2.43 30.14
N LEU A 308 -6.99 -2.50 29.13
CA LEU A 308 -6.68 -1.97 27.83
C LEU A 308 -6.79 -0.44 27.85
N LYS A 309 -7.93 0.06 28.36
CA LYS A 309 -8.14 1.51 28.46
C LYS A 309 -6.93 2.15 29.24
N GLU A 310 -6.47 1.50 30.31
CA GLU A 310 -5.33 2.02 31.12
C GLU A 310 -3.94 1.84 30.42
N ASN A 311 -3.80 0.92 29.48
CA ASN A 311 -2.46 0.57 28.95
C ASN A 311 -2.26 0.83 27.40
N TYR A 312 -3.38 0.94 26.68
CA TYR A 312 -3.27 1.18 25.21
C TYR A 312 -2.89 2.60 24.91
N GLY A 313 -1.97 2.73 23.96
CA GLY A 313 -1.64 3.99 23.36
C GLY A 313 -0.63 4.76 24.24
N GLN A 314 0.24 4.05 24.98
CA GLN A 314 1.26 4.71 25.83
C GLN A 314 2.71 4.26 25.48
N LYS A 315 3.70 5.09 25.82
CA LYS A 315 5.11 4.85 25.49
C LYS A 315 5.83 3.85 26.42
N GLU A 316 5.50 3.80 27.73
CA GLU A 316 6.25 2.95 28.72
C GLU A 316 6.21 1.42 28.30
N ALA A 317 7.40 0.84 28.08
CA ALA A 317 7.62 -0.57 27.69
C ALA A 317 6.83 -1.62 28.47
N GLU A 318 6.84 -1.50 29.79
CA GLU A 318 6.05 -2.38 30.71
C GLU A 318 4.50 -2.29 30.46
N LYS A 319 3.97 -1.17 29.96
CA LYS A 319 2.50 -1.07 29.79
C LYS A 319 2.15 -1.63 28.39
N VAL A 320 3.07 -1.51 27.43
CA VAL A 320 2.99 -2.18 26.11
C VAL A 320 3.15 -3.70 26.28
N ALA A 321 4.14 -4.06 27.11
CA ALA A 321 4.32 -5.44 27.66
C ALA A 321 3.02 -6.09 28.18
N ARG A 322 2.29 -5.25 28.90
CA ARG A 322 1.02 -5.61 29.48
C ARG A 322 -0.08 -5.94 28.47
N VAL A 323 -0.15 -5.20 27.36
CA VAL A 323 -1.21 -5.39 26.34
C VAL A 323 -0.90 -6.68 25.61
N LYS A 324 0.37 -6.85 25.18
CA LYS A 324 0.86 -8.06 24.52
C LYS A 324 0.52 -9.30 25.35
N ALA A 325 0.73 -9.20 26.67
CA ALA A 325 0.34 -10.26 27.53
C ALA A 325 -1.20 -10.38 27.55
N LEU A 326 -1.99 -9.29 27.49
CA LEU A 326 -3.48 -9.48 27.46
C LEU A 326 -3.94 -10.19 26.16
N TYR A 327 -3.23 -9.87 25.08
CA TYR A 327 -3.45 -10.46 23.78
C TYR A 327 -3.19 -11.98 23.80
N GLU A 328 -2.05 -12.37 24.37
CA GLU A 328 -1.70 -13.81 24.46
C GLU A 328 -2.66 -14.47 25.39
N GLU A 329 -3.25 -13.78 26.36
CA GLU A 329 -4.26 -14.42 27.31
C GLU A 329 -5.57 -14.69 26.59
N LEU A 330 -5.92 -13.83 25.63
CA LEU A 330 -7.13 -14.07 24.84
C LEU A 330 -6.93 -14.96 23.61
N ASP A 331 -5.71 -15.52 23.48
CA ASP A 331 -5.31 -16.45 22.37
C ASP A 331 -5.48 -15.81 21.03
N LEU A 332 -4.90 -14.63 20.92
CA LEU A 332 -5.07 -13.89 19.72
C LEU A 332 -4.19 -14.52 18.64
N PRO A 333 -3.00 -15.03 18.98
CA PRO A 333 -2.27 -15.68 17.84
C PRO A 333 -3.03 -16.90 17.24
N ALA A 334 -3.73 -17.58 18.11
CA ALA A 334 -4.56 -18.69 17.72
C ALA A 334 -5.75 -18.17 16.87
N VAL A 335 -6.36 -17.06 17.26
CA VAL A 335 -7.45 -16.49 16.44
C VAL A 335 -6.90 -16.09 15.03
N PHE A 336 -5.68 -15.55 15.01
CA PHE A 336 -5.06 -15.17 13.79
C PHE A 336 -4.85 -16.41 12.94
N LEU A 337 -4.25 -17.45 13.50
CA LEU A 337 -3.98 -18.64 12.68
C LEU A 337 -5.29 -19.18 11.99
N GLN A 338 -6.39 -19.28 12.77
CA GLN A 338 -7.71 -19.72 12.23
C GLN A 338 -8.20 -18.75 11.12
N TYR A 339 -7.99 -17.45 11.38
CA TYR A 339 -8.38 -16.42 10.43
C TYR A 339 -7.60 -16.64 9.14
N GLU A 340 -6.28 -16.85 9.24
CA GLU A 340 -5.44 -16.97 8.06
C GLU A 340 -5.85 -18.17 7.15
N GLU A 341 -6.14 -19.29 7.83
CA GLU A 341 -6.72 -20.48 7.15
C GLU A 341 -8.09 -20.22 6.52
N ASP A 342 -9.01 -19.61 7.25
CA ASP A 342 -10.32 -19.35 6.69
C ASP A 342 -10.14 -18.39 5.55
N SER A 343 -9.35 -17.35 5.79
CA SER A 343 -9.10 -16.32 4.73
C SER A 343 -8.54 -16.92 3.38
N TYR A 344 -7.63 -17.82 3.54
CA TYR A 344 -7.01 -18.46 2.39
C TYR A 344 -8.04 -19.29 1.63
N SER A 345 -8.80 -20.15 2.30
CA SER A 345 -9.86 -20.83 1.57
C SER A 345 -10.78 -19.89 0.91
N HIS A 346 -11.22 -18.81 1.63
CA HIS A 346 -12.11 -17.84 0.99
C HIS A 346 -11.54 -17.16 -0.31
N ILE A 347 -10.29 -16.77 -0.27
CA ILE A 347 -9.67 -16.18 -1.42
C ILE A 347 -9.64 -17.17 -2.59
N MET A 348 -9.37 -18.43 -2.31
CA MET A 348 -9.34 -19.43 -3.39
C MET A 348 -10.76 -19.53 -3.99
N ALA A 349 -11.78 -19.60 -3.12
CA ALA A 349 -13.16 -19.51 -3.63
C ALA A 349 -13.46 -18.29 -4.46
N LEU A 350 -12.90 -17.12 -4.08
CA LEU A 350 -13.17 -15.95 -4.85
C LEU A 350 -12.52 -16.04 -6.20
N ILE A 351 -11.31 -16.57 -6.19
CA ILE A 351 -10.53 -16.71 -7.44
C ILE A 351 -11.30 -17.65 -8.41
N GLU A 352 -11.81 -18.72 -7.85
CA GLU A 352 -12.63 -19.70 -8.61
C GLU A 352 -13.89 -19.01 -9.14
N GLN A 353 -14.54 -18.13 -8.40
CA GLN A 353 -15.77 -17.58 -8.93
C GLN A 353 -15.58 -16.29 -9.83
N TYR A 354 -14.56 -15.51 -9.54
CA TYR A 354 -14.35 -14.21 -10.17
C TYR A 354 -13.11 -13.97 -11.07
N ALA A 355 -12.20 -14.93 -11.14
CA ALA A 355 -11.03 -14.68 -11.94
C ALA A 355 -11.35 -14.61 -13.41
N ALA A 356 -12.23 -15.49 -13.89
CA ALA A 356 -12.51 -15.63 -15.32
C ALA A 356 -13.02 -14.34 -15.87
N PRO A 357 -12.53 -13.92 -17.03
CA PRO A 357 -11.69 -14.69 -17.98
C PRO A 357 -10.22 -14.35 -17.89
N LEU A 358 -9.77 -13.70 -16.81
CA LEU A 358 -8.39 -13.52 -16.59
C LEU A 358 -7.76 -14.82 -16.15
N PRO A 359 -6.47 -14.97 -16.36
CA PRO A 359 -5.77 -16.21 -15.96
C PRO A 359 -5.67 -16.25 -14.43
N PRO A 360 -6.12 -17.34 -13.85
CA PRO A 360 -6.12 -17.43 -12.40
C PRO A 360 -4.74 -17.14 -11.84
N ALA A 361 -3.73 -17.47 -12.62
CA ALA A 361 -2.39 -17.35 -12.19
C ALA A 361 -2.06 -15.89 -11.75
N VAL A 362 -2.74 -14.92 -12.28
CA VAL A 362 -2.52 -13.50 -11.91
C VAL A 362 -2.76 -13.33 -10.40
N PHE A 363 -3.91 -13.88 -9.97
CA PHE A 363 -4.36 -13.76 -8.60
C PHE A 363 -3.64 -14.71 -7.76
N LEU A 364 -3.29 -15.91 -8.32
CA LEU A 364 -2.58 -16.90 -7.48
C LEU A 364 -1.21 -16.45 -7.12
N GLY A 365 -0.56 -15.72 -8.01
CA GLY A 365 0.78 -15.29 -7.75
C GLY A 365 0.75 -14.33 -6.58
N LEU A 366 -0.30 -13.50 -6.53
CA LEU A 366 -0.39 -12.52 -5.41
C LEU A 366 -0.63 -13.24 -4.10
N ALA A 367 -1.54 -14.22 -4.15
CA ALA A 367 -1.88 -14.99 -2.98
C ALA A 367 -0.59 -15.63 -2.44
N ARG A 368 0.20 -16.16 -3.30
CA ARG A 368 1.37 -16.88 -2.88
C ARG A 368 2.34 -15.92 -2.26
N LYS A 369 2.44 -14.72 -2.77
CA LYS A 369 3.36 -13.75 -2.13
C LYS A 369 2.78 -13.32 -0.73
N ILE A 370 1.49 -13.06 -0.63
CA ILE A 370 0.99 -12.46 0.63
C ILE A 370 0.81 -13.52 1.75
N TYR A 371 0.56 -14.78 1.39
CA TYR A 371 0.30 -15.83 2.35
C TYR A 371 1.58 -16.62 2.59
N LYS A 372 2.58 -16.49 1.74
#